data_2LUJ
#
_entry.id   2LUJ
#
_entity_poly.entity_id   1
_entity_poly.type   'polydeoxyribonucleotide'
_entity_poly.pdbx_seq_one_letter_code
;(DT)(IGU)(IGU)(IGU)(IGU)(DT)
;
_entity_poly.pdbx_strand_id   A,B,C,D,E
#